data_4M5P
#
_entry.id   4M5P
#
_cell.length_a   126.487
_cell.length_b   126.487
_cell.length_c   123.307
_cell.angle_alpha   90.00
_cell.angle_beta   90.00
_cell.angle_gamma   120.00
#
_symmetry.space_group_name_H-M   'P 63 2 2'
#
loop_
_entity.id
_entity.type
_entity.pdbx_description
1 polymer 'NADPH dehydrogenase'
2 non-polymer 'FLAVIN MONONUCLEOTIDE'
3 non-polymer 'MALONIC ACID'
4 non-polymer 'SODIUM ION'
5 non-polymer 'methyl 2-(hydroxymethyl)prop-2-enoate'
6 water water
#
_entity_poly.entity_id   1
_entity_poly.type   'polypeptide(L)'
_entity_poly.pdbx_seq_one_letter_code
;MSSVKISPLKDSEAFQSIKVGNNTLQTKIVYPPTTRFRALEDHTPSDLQLQYYGDRSTFPGTLLITEATFVSPQASGWEG
AAPGIWTDKHAKAWKVITDKVHANGSFVSTQL(CSD)FLGRVADPAVMKTRGLNPVSASATYESDAAKEAAEAVGNPVRA
LTTQEVKDLVYEAYTNAAQKAMDAGFDYIELHAAHGYLLDQFLQPCTNQRTDEYGGSIENRARLILELIDHLSTIVGADK
IGIRISPWATFQNMKAHKDTVHPLTTFSYLVHELQQRADKGQGIAYISVVEPRVSGNVDVSEEDQAGDNEFVSKIWKGVI
LKAGNYSYDAPEFKTLKEDIADKRTLVGFSRYFTSNPNLVWKLRDGIDLVPYDRNTFYSDNNYGYNTFSMDSEEVDKELE
IKRVPSAIEAL
;
_entity_poly.pdbx_strand_id   A
#
loop_
_chem_comp.id
_chem_comp.type
_chem_comp.name
_chem_comp.formula
23W non-polymer 'methyl 2-(hydroxymethyl)prop-2-enoate' 'C5 H8 O3'
FMN non-polymer 'FLAVIN MONONUCLEOTIDE' 'C17 H21 N4 O9 P'
MLA non-polymer 'MALONIC ACID' 'C3 H4 O4'
NA non-polymer 'SODIUM ION' 'Na 1'
#
# COMPACT_ATOMS: atom_id res chain seq x y z
N SER A 2 -20.96 -7.71 12.82
CA SER A 2 -20.88 -8.50 14.05
C SER A 2 -19.43 -8.85 14.40
N SER A 3 -19.19 -9.04 15.70
CA SER A 3 -17.87 -9.47 16.16
C SER A 3 -17.58 -10.85 15.58
N VAL A 4 -16.31 -11.08 15.26
CA VAL A 4 -15.92 -12.31 14.60
C VAL A 4 -15.26 -13.26 15.59
N LYS A 5 -15.88 -14.42 15.79
CA LYS A 5 -15.26 -15.48 16.57
C LYS A 5 -14.09 -16.03 15.78
N ILE A 6 -12.96 -16.24 16.46
CA ILE A 6 -11.78 -16.77 15.79
C ILE A 6 -11.05 -17.79 16.67
N SER A 7 -10.44 -18.78 16.03
CA SER A 7 -9.59 -19.73 16.75
CA SER A 7 -9.59 -19.73 16.74
C SER A 7 -8.19 -19.13 16.88
N PRO A 8 -7.50 -19.47 17.98
CA PRO A 8 -6.15 -18.94 18.21
C PRO A 8 -5.16 -19.36 17.13
N LEU A 9 -4.31 -18.43 16.71
CA LEU A 9 -3.28 -18.72 15.73
C LEU A 9 -1.90 -18.89 16.37
N LYS A 10 -1.85 -18.82 17.70
CA LYS A 10 -0.59 -18.92 18.45
C LYS A 10 0.36 -20.05 18.00
N ASP A 11 -0.19 -21.25 17.80
CA ASP A 11 0.68 -22.40 17.51
C ASP A 11 0.89 -22.62 16.02
N SER A 12 0.36 -21.71 15.20
CA SER A 12 0.45 -21.82 13.76
C SER A 12 1.71 -21.17 13.22
N GLU A 13 1.89 -21.30 11.91
CA GLU A 13 3.01 -20.70 11.21
C GLU A 13 3.00 -19.17 11.33
N ALA A 14 1.85 -18.61 11.73
CA ALA A 14 1.73 -17.16 11.87
C ALA A 14 2.59 -16.59 12.97
N PHE A 15 3.13 -17.45 13.84
CA PHE A 15 4.01 -16.98 14.92
C PHE A 15 5.39 -17.63 14.89
N GLN A 16 5.77 -18.06 13.69
CA GLN A 16 7.13 -18.49 13.41
C GLN A 16 7.86 -17.33 12.76
N SER A 17 9.09 -17.09 13.22
CA SER A 17 9.87 -15.97 12.71
C SER A 17 10.19 -16.12 11.23
N ILE A 18 10.39 -14.98 10.57
CA ILE A 18 10.72 -14.98 9.15
C ILE A 18 11.58 -13.76 8.80
N LYS A 19 12.67 -14.00 8.10
CA LYS A 19 13.54 -12.92 7.67
C LYS A 19 12.97 -12.28 6.41
N VAL A 20 12.80 -10.96 6.47
CA VAL A 20 12.30 -10.19 5.34
C VAL A 20 13.33 -9.09 5.07
N GLY A 21 14.08 -9.24 3.99
CA GLY A 21 15.22 -8.38 3.77
C GLY A 21 16.21 -8.63 4.90
N ASN A 22 16.63 -7.56 5.57
CA ASN A 22 17.58 -7.72 6.66
C ASN A 22 16.97 -7.74 8.06
N ASN A 23 15.65 -7.77 8.14
CA ASN A 23 14.97 -7.81 9.43
C ASN A 23 14.20 -9.11 9.62
N THR A 24 14.05 -9.52 10.87
CA THR A 24 13.28 -10.73 11.16
C THR A 24 11.99 -10.36 11.88
N LEU A 25 10.86 -10.77 11.28
CA LEU A 25 9.56 -10.56 11.90
C LEU A 25 9.27 -11.71 12.84
N GLN A 26 8.53 -11.44 13.91
CA GLN A 26 8.16 -12.48 14.87
C GLN A 26 6.71 -12.93 14.70
N THR A 27 5.98 -12.22 13.85
CA THR A 27 4.65 -12.67 13.44
C THR A 27 4.54 -12.46 11.94
N LYS A 28 3.75 -13.29 11.29
CA LYS A 28 3.55 -13.19 9.85
CA LYS A 28 3.56 -13.18 9.85
C LYS A 28 2.31 -12.38 9.52
N ILE A 29 1.63 -11.89 10.56
CA ILE A 29 0.46 -11.02 10.42
C ILE A 29 0.95 -9.58 10.24
N VAL A 30 0.49 -8.95 9.16
CA VAL A 30 0.97 -7.65 8.74
C VAL A 30 -0.19 -6.65 8.65
N TYR A 31 0.09 -5.39 8.96
CA TYR A 31 -0.85 -4.30 8.69
C TYR A 31 -0.52 -3.70 7.32
N PRO A 32 -1.39 -3.95 6.32
CA PRO A 32 -1.13 -3.45 4.97
C PRO A 32 -1.41 -1.96 4.86
N PRO A 33 -0.94 -1.33 3.78
CA PRO A 33 -1.17 0.11 3.57
C PRO A 33 -2.66 0.44 3.58
N THR A 34 -3.03 1.41 4.42
CA THR A 34 -4.43 1.74 4.62
C THR A 34 -4.61 3.25 4.78
N THR A 35 -5.02 3.87 3.68
CA THR A 35 -5.30 5.30 3.63
C THR A 35 -6.40 5.69 4.62
N ARG A 36 -6.14 6.71 5.43
CA ARG A 36 -7.11 7.14 6.44
C ARG A 36 -7.34 8.66 6.49
N PHE A 37 -6.50 9.43 5.79
CA PHE A 37 -6.67 10.88 5.69
C PHE A 37 -6.57 11.64 7.03
N ARG A 38 -5.68 11.19 7.90
CA ARG A 38 -5.42 11.92 9.14
C ARG A 38 -4.04 12.56 9.19
N ALA A 39 -3.47 12.84 8.02
CA ALA A 39 -2.25 13.64 7.95
C ALA A 39 -2.59 15.13 8.09
N LEU A 40 -1.57 15.97 8.20
CA LEU A 40 -1.79 17.41 8.21
C LEU A 40 -2.05 17.92 6.80
N GLU A 41 -2.57 19.13 6.70
CA GLU A 41 -2.92 19.74 5.43
CA GLU A 41 -2.92 19.71 5.41
C GLU A 41 -1.75 19.79 4.44
N ASP A 42 -0.55 20.02 4.95
CA ASP A 42 0.63 20.10 4.08
C ASP A 42 1.31 18.74 3.90
N HIS A 43 0.59 17.68 4.32
CA HIS A 43 0.99 16.29 4.12
C HIS A 43 2.06 15.79 5.09
N THR A 44 2.40 16.61 6.08
CA THR A 44 3.23 16.15 7.17
C THR A 44 2.41 15.20 8.04
N PRO A 45 3.02 14.07 8.46
CA PRO A 45 2.34 13.18 9.39
C PRO A 45 1.99 13.87 10.70
N SER A 46 0.90 13.43 11.33
CA SER A 46 0.30 14.13 12.46
C SER A 46 0.46 13.40 13.79
N ASP A 47 0.10 14.09 14.87
CA ASP A 47 0.03 13.50 16.20
C ASP A 47 -0.85 12.25 16.21
N LEU A 48 -1.98 12.30 15.49
CA LEU A 48 -2.88 11.16 15.47
C LEU A 48 -2.23 9.94 14.83
N GLN A 49 -1.50 10.17 13.74
CA GLN A 49 -0.82 9.06 13.08
C GLN A 49 0.28 8.43 13.93
N LEU A 50 0.96 9.26 14.73
CA LEU A 50 1.99 8.75 15.62
C LEU A 50 1.39 7.71 16.58
N GLN A 51 0.28 8.06 17.20
CA GLN A 51 -0.36 7.12 18.11
C GLN A 51 -0.90 5.91 17.37
N TYR A 52 -1.43 6.15 16.17
CA TYR A 52 -2.13 5.11 15.42
C TYR A 52 -1.17 3.97 15.05
N TYR A 53 -0.02 4.33 14.49
CA TYR A 53 0.98 3.32 14.16
C TYR A 53 1.62 2.71 15.40
N GLY A 54 1.88 3.55 16.41
CA GLY A 54 2.40 3.05 17.66
C GLY A 54 1.50 1.97 18.27
N ASP A 55 0.19 2.22 18.26
CA ASP A 55 -0.75 1.28 18.88
C ASP A 55 -0.78 -0.08 18.19
N ARG A 56 -0.30 -0.13 16.94
CA ARG A 56 -0.37 -1.35 16.16
C ARG A 56 0.96 -2.10 16.13
N SER A 57 1.93 -1.59 16.88
CA SER A 57 3.29 -2.14 16.85
C SER A 57 3.63 -2.98 18.07
N THR A 58 2.65 -3.20 18.95
CA THR A 58 2.96 -3.74 20.27
C THR A 58 3.30 -5.23 20.34
N PHE A 59 2.89 -6.03 19.36
CA PHE A 59 3.46 -7.36 19.30
C PHE A 59 4.85 -7.20 18.70
N PRO A 60 5.89 -7.53 19.48
CA PRO A 60 7.23 -7.21 18.99
C PRO A 60 7.52 -7.98 17.71
N GLY A 61 8.08 -7.31 16.72
CA GLY A 61 8.43 -7.97 15.48
C GLY A 61 7.30 -8.01 14.47
N THR A 62 6.37 -7.06 14.57
CA THR A 62 5.31 -6.91 13.58
C THR A 62 5.78 -5.98 12.48
N LEU A 63 5.44 -6.30 11.24
CA LEU A 63 5.63 -5.37 10.13
C LEU A 63 4.37 -4.54 9.91
N LEU A 64 4.52 -3.22 9.95
CA LEU A 64 3.45 -2.30 9.60
C LEU A 64 3.83 -1.64 8.30
N ILE A 65 2.87 -1.49 7.39
CA ILE A 65 3.13 -0.79 6.14
C ILE A 65 2.25 0.45 6.14
N THR A 66 2.85 1.61 5.92
CA THR A 66 2.08 2.84 5.99
C THR A 66 1.09 2.95 4.84
N GLU A 67 0.03 3.70 5.13
CA GLU A 67 -0.87 4.22 4.11
C GLU A 67 -0.09 4.82 2.95
N ALA A 68 -0.73 4.85 1.78
CA ALA A 68 -0.18 5.50 0.60
C ALA A 68 0.40 6.88 0.96
N THR A 69 1.66 7.08 0.60
CA THR A 69 2.38 8.29 0.97
C THR A 69 2.97 8.92 -0.30
N PHE A 70 2.61 10.18 -0.56
CA PHE A 70 2.95 10.82 -1.84
C PHE A 70 4.45 11.04 -2.00
N VAL A 71 4.98 10.73 -3.16
CA VAL A 71 6.40 10.96 -3.41
C VAL A 71 6.77 12.39 -3.76
N SER A 72 5.80 13.19 -4.18
CA SER A 72 6.05 14.55 -4.64
C SER A 72 4.70 15.27 -4.74
N PRO A 73 4.72 16.60 -4.89
CA PRO A 73 3.47 17.32 -5.14
C PRO A 73 2.69 16.77 -6.35
N GLN A 74 3.38 16.45 -7.43
CA GLN A 74 2.71 15.93 -8.63
C GLN A 74 2.07 14.56 -8.36
N ALA A 75 2.55 13.87 -7.33
CA ALA A 75 2.06 12.54 -6.98
C ALA A 75 0.72 12.58 -6.24
N SER A 76 0.31 13.76 -5.79
CA SER A 76 -0.85 13.91 -4.92
C SER A 76 -2.16 13.99 -5.70
N GLY A 77 -3.21 14.49 -5.08
CA GLY A 77 -4.45 14.73 -5.80
C GLY A 77 -5.73 14.25 -5.14
N TRP A 78 -5.65 13.88 -3.87
CA TRP A 78 -6.85 13.56 -3.11
C TRP A 78 -7.35 14.81 -2.41
N GLU A 79 -8.66 14.87 -2.17
CA GLU A 79 -9.23 15.95 -1.35
C GLU A 79 -8.89 15.74 0.12
N GLY A 80 -8.91 14.49 0.57
CA GLY A 80 -8.52 14.18 1.93
C GLY A 80 -7.04 14.41 2.16
N ALA A 81 -6.65 14.54 3.43
CA ALA A 81 -5.26 14.85 3.79
C ALA A 81 -4.42 13.59 4.00
N ALA A 82 -3.70 13.19 2.94
CA ALA A 82 -2.80 12.04 2.98
C ALA A 82 -1.39 12.53 3.22
N PRO A 83 -0.52 11.66 3.77
CA PRO A 83 0.84 12.11 4.06
C PRO A 83 1.76 12.07 2.84
N GLY A 84 2.89 12.74 2.98
CA GLY A 84 3.91 12.76 1.95
C GLY A 84 5.26 12.39 2.51
N ILE A 85 6.22 12.22 1.62
CA ILE A 85 7.59 11.95 2.05
C ILE A 85 8.59 12.61 1.10
N TRP A 86 8.40 13.91 0.85
CA TRP A 86 9.30 14.60 -0.06
C TRP A 86 10.08 15.77 0.53
N THR A 87 9.70 16.22 1.72
CA THR A 87 10.43 17.32 2.37
C THR A 87 11.12 16.83 3.64
N ASP A 88 12.09 17.61 4.12
CA ASP A 88 12.74 17.32 5.40
C ASP A 88 11.71 17.31 6.52
N LYS A 89 10.73 18.21 6.43
CA LYS A 89 9.67 18.27 7.43
C LYS A 89 8.88 16.96 7.49
N HIS A 90 8.52 16.44 6.31
CA HIS A 90 7.83 15.16 6.24
C HIS A 90 8.66 14.07 6.91
N ALA A 91 9.95 14.02 6.53
CA ALA A 91 10.82 12.95 7.01
C ALA A 91 11.02 13.00 8.53
N LYS A 92 11.19 14.20 9.07
CA LYS A 92 11.41 14.35 10.50
C LYS A 92 10.19 13.91 11.30
N ALA A 93 9.00 14.22 10.79
CA ALA A 93 7.78 13.82 11.46
C ALA A 93 7.62 12.30 11.37
N TRP A 94 7.83 11.74 10.19
CA TRP A 94 7.75 10.29 10.05
C TRP A 94 8.75 9.58 10.95
N LYS A 95 9.91 10.21 11.18
CA LYS A 95 10.94 9.61 12.02
C LYS A 95 10.47 9.43 13.46
N VAL A 96 9.62 10.34 13.93
CA VAL A 96 9.08 10.18 15.28
C VAL A 96 8.23 8.91 15.31
N ILE A 97 7.51 8.66 14.22
CA ILE A 97 6.64 7.49 14.13
C ILE A 97 7.44 6.20 14.00
N THR A 98 8.41 6.18 13.08
CA THR A 98 9.22 4.97 12.94
C THR A 98 10.03 4.69 14.20
N ASP A 99 10.52 5.75 14.86
CA ASP A 99 11.18 5.58 16.15
C ASP A 99 10.27 4.85 17.15
N LYS A 100 9.00 5.24 17.19
CA LYS A 100 8.06 4.67 18.15
C LYS A 100 7.80 3.19 17.84
N VAL A 101 7.64 2.87 16.56
CA VAL A 101 7.44 1.48 16.16
C VAL A 101 8.69 0.65 16.48
N HIS A 102 9.85 1.22 16.19
CA HIS A 102 11.12 0.53 16.43
C HIS A 102 11.35 0.26 17.92
N ALA A 103 10.91 1.18 18.78
CA ALA A 103 11.12 1.01 20.21
C ALA A 103 10.32 -0.17 20.76
N ASN A 104 9.32 -0.61 20.01
CA ASN A 104 8.57 -1.82 20.33
C ASN A 104 9.10 -3.07 19.66
N GLY A 105 10.22 -2.95 18.95
CA GLY A 105 10.85 -4.09 18.31
C GLY A 105 10.17 -4.46 17.00
N SER A 106 9.38 -3.54 16.47
CA SER A 106 8.67 -3.77 15.22
C SER A 106 9.29 -3.00 14.06
N PHE A 107 8.72 -3.18 12.86
CA PHE A 107 9.32 -2.62 11.65
C PHE A 107 8.27 -1.92 10.82
N VAL A 108 8.71 -0.99 9.96
CA VAL A 108 7.76 -0.25 9.17
CA VAL A 108 7.79 -0.18 9.16
C VAL A 108 8.26 -0.02 7.73
N SER A 109 7.37 -0.28 6.79
CA SER A 109 7.61 -0.03 5.40
C SER A 109 6.73 1.16 5.00
N THR A 110 7.23 2.07 4.18
CA THR A 110 6.38 3.13 3.66
C THR A 110 5.92 2.83 2.24
N GLN A 111 4.61 2.90 2.01
CA GLN A 111 4.10 2.72 0.67
C GLN A 111 4.19 4.04 -0.11
N LEU A 112 5.07 4.08 -1.10
CA LEU A 112 5.27 5.24 -1.96
C LEU A 112 4.20 5.24 -3.05
N CSD A 113 3.41 6.30 -3.11
CA CSD A 113 2.37 6.36 -4.13
CB CSD A 113 0.94 6.21 -3.57
SG CSD A 113 -0.26 6.07 -4.85
C CSD A 113 2.40 7.60 -5.00
O CSD A 113 3.13 8.58 -4.81
OD1 CSD A 113 -1.34 5.32 -4.22
OD2 CSD A 113 0.35 4.78 -5.75
N CYS A 113 3.43 6.32 -3.11
CA CYS A 113 2.27 6.41 -3.99
C CYS A 113 2.34 7.60 -4.94
N PHE A 114 1.55 7.52 -6.01
CA PHE A 114 1.44 8.55 -7.02
C PHE A 114 0.09 8.27 -7.66
N LEU A 115 -0.83 9.23 -7.60
CA LEU A 115 -2.21 8.95 -8.03
C LEU A 115 -2.36 8.83 -9.54
N GLY A 116 -1.75 9.74 -10.28
CA GLY A 116 -1.87 9.67 -11.73
C GLY A 116 -3.21 10.14 -12.24
N ARG A 117 -3.81 9.36 -13.13
CA ARG A 117 -4.98 9.84 -13.88
C ARG A 117 -6.19 10.12 -12.99
N VAL A 118 -6.20 9.59 -11.77
CA VAL A 118 -7.34 9.77 -10.87
C VAL A 118 -7.21 10.98 -9.94
N ALA A 119 -6.10 11.71 -10.05
CA ALA A 119 -5.92 12.92 -9.25
C ALA A 119 -7.06 13.89 -9.51
N ASP A 120 -7.57 14.51 -8.46
CA ASP A 120 -8.66 15.48 -8.62
C ASP A 120 -8.15 16.71 -9.37
N PRO A 121 -8.81 17.05 -10.50
CA PRO A 121 -8.30 18.13 -11.36
C PRO A 121 -8.34 19.50 -10.70
N ALA A 122 -9.32 19.74 -9.83
CA ALA A 122 -9.38 21.01 -9.12
C ALA A 122 -8.26 21.11 -8.08
N VAL A 123 -8.02 20.02 -7.35
CA VAL A 123 -6.92 19.98 -6.40
C VAL A 123 -5.60 20.22 -7.10
N MET A 124 -5.38 19.55 -8.23
CA MET A 124 -4.11 19.70 -8.93
C MET A 124 -3.96 21.11 -9.47
N LYS A 125 -5.07 21.70 -9.92
CA LYS A 125 -5.03 23.07 -10.43
C LYS A 125 -4.51 24.07 -9.39
N THR A 126 -4.79 23.82 -8.11
CA THR A 126 -4.26 24.71 -7.06
C THR A 126 -2.74 24.66 -6.95
N ARG A 127 -2.13 23.53 -7.33
CA ARG A 127 -0.68 23.40 -7.31
C ARG A 127 -0.08 23.90 -8.60
N GLY A 128 -0.93 24.35 -9.50
CA GLY A 128 -0.48 24.71 -10.84
C GLY A 128 -0.03 23.46 -11.57
N LEU A 129 -0.67 22.34 -11.25
CA LEU A 129 -0.31 21.08 -11.86
C LEU A 129 -1.49 20.48 -12.60
N ASN A 130 -1.17 19.64 -13.58
CA ASN A 130 -2.14 18.85 -14.30
C ASN A 130 -2.21 17.45 -13.69
N PRO A 131 -3.37 16.78 -13.80
CA PRO A 131 -3.31 15.34 -13.54
C PRO A 131 -2.45 14.72 -14.64
N VAL A 132 -1.59 13.76 -14.30
CA VAL A 132 -0.72 13.15 -15.30
C VAL A 132 -0.84 11.63 -15.27
N SER A 133 -0.43 10.98 -16.35
CA SER A 133 -0.50 9.53 -16.41
C SER A 133 0.43 9.02 -17.50
N ALA A 134 0.47 7.69 -17.67
CA ALA A 134 1.20 7.10 -18.78
C ALA A 134 0.62 7.61 -20.11
N SER A 135 -0.70 7.68 -20.18
CA SER A 135 -1.40 8.19 -21.35
C SER A 135 -2.53 9.10 -20.90
N ALA A 136 -3.07 9.90 -21.82
CA ALA A 136 -4.13 10.82 -21.47
C ALA A 136 -5.46 10.10 -21.43
N THR A 137 -5.75 9.42 -20.31
CA THR A 137 -7.01 8.70 -20.17
C THR A 137 -7.64 9.04 -18.84
N TYR A 138 -8.93 8.74 -18.71
CA TYR A 138 -9.67 8.97 -17.49
C TYR A 138 -10.35 7.69 -17.04
N GLU A 139 -10.62 7.58 -15.75
CA GLU A 139 -11.29 6.38 -15.24
C GLU A 139 -12.76 6.34 -15.64
N SER A 140 -13.32 7.48 -16.04
CA SER A 140 -14.71 7.52 -16.47
C SER A 140 -14.98 8.76 -17.33
N ASP A 141 -16.11 8.76 -18.03
CA ASP A 141 -16.53 9.94 -18.79
C ASP A 141 -16.77 11.12 -17.85
N ALA A 142 -17.28 10.83 -16.65
CA ALA A 142 -17.52 11.87 -15.65
C ALA A 142 -16.22 12.57 -15.25
N ALA A 143 -15.16 11.78 -15.05
CA ALA A 143 -13.85 12.33 -14.71
C ALA A 143 -13.31 13.21 -15.82
N LYS A 144 -13.52 12.76 -17.06
CA LYS A 144 -13.08 13.54 -18.21
C LYS A 144 -13.79 14.87 -18.25
N GLU A 145 -15.11 14.84 -18.04
CA GLU A 145 -15.89 16.07 -18.05
C GLU A 145 -15.46 17.00 -16.92
N ALA A 146 -15.20 16.43 -15.75
CA ALA A 146 -14.77 17.22 -14.60
C ALA A 146 -13.44 17.93 -14.84
N ALA A 147 -12.49 17.21 -15.42
CA ALA A 147 -11.17 17.79 -15.70
C ALA A 147 -11.25 18.89 -16.75
N GLU A 148 -11.96 18.64 -17.84
CA GLU A 148 -12.06 19.63 -18.90
C GLU A 148 -12.85 20.86 -18.49
N ALA A 149 -13.80 20.66 -17.58
CA ALA A 149 -14.63 21.77 -17.10
C ALA A 149 -13.81 22.82 -16.34
N VAL A 150 -12.74 22.37 -15.70
CA VAL A 150 -11.84 23.30 -15.00
C VAL A 150 -10.57 23.57 -15.80
N GLY A 151 -10.58 23.18 -17.07
CA GLY A 151 -9.48 23.49 -17.96
C GLY A 151 -8.18 22.84 -17.53
N ASN A 152 -8.28 21.68 -16.90
CA ASN A 152 -7.11 20.98 -16.39
C ASN A 152 -7.16 19.49 -16.75
N PRO A 153 -7.01 19.19 -18.05
CA PRO A 153 -7.14 17.80 -18.48
C PRO A 153 -5.99 16.92 -18.01
N VAL A 154 -6.23 15.61 -17.95
CA VAL A 154 -5.13 14.66 -17.77
C VAL A 154 -4.20 14.79 -18.98
N ARG A 155 -2.90 14.66 -18.74
CA ARG A 155 -1.98 14.64 -19.86
C ARG A 155 -0.96 13.54 -19.65
N ALA A 156 -0.41 13.07 -20.75
CA ALA A 156 0.61 12.03 -20.71
C ALA A 156 1.95 12.65 -20.32
N LEU A 157 2.64 12.00 -19.39
CA LEU A 157 4.00 12.39 -19.05
C LEU A 157 4.89 12.25 -20.28
N THR A 158 5.81 13.18 -20.47
CA THR A 158 6.78 13.03 -21.55
C THR A 158 7.82 12.02 -21.13
N THR A 159 8.60 11.56 -22.10
CA THR A 159 9.68 10.61 -21.83
C THR A 159 10.60 11.13 -20.72
N GLN A 160 11.00 12.39 -20.84
CA GLN A 160 11.85 13.00 -19.83
C GLN A 160 11.16 13.05 -18.46
N GLU A 161 9.86 13.33 -18.44
CA GLU A 161 9.14 13.34 -17.17
C GLU A 161 9.11 11.96 -16.52
N VAL A 162 9.05 10.92 -17.34
CA VAL A 162 9.08 9.56 -16.79
C VAL A 162 10.45 9.32 -16.18
N LYS A 163 11.51 9.75 -16.87
CA LYS A 163 12.85 9.65 -16.30
C LYS A 163 12.94 10.44 -14.99
N ASP A 164 12.29 11.61 -14.96
CA ASP A 164 12.25 12.44 -13.75
C ASP A 164 11.62 11.67 -12.57
N LEU A 165 10.64 10.82 -12.85
CA LEU A 165 10.04 10.01 -11.78
C LEU A 165 11.12 9.16 -11.13
N VAL A 166 11.96 8.55 -11.96
CA VAL A 166 12.97 7.65 -11.45
C VAL A 166 14.08 8.40 -10.72
N TYR A 167 14.64 9.40 -11.37
CA TYR A 167 15.86 10.08 -10.92
CA TYR A 167 15.85 10.01 -10.86
C TYR A 167 15.62 11.25 -9.98
N GLU A 168 14.38 11.73 -9.95
CA GLU A 168 14.03 12.85 -9.07
C GLU A 168 12.96 12.47 -8.04
N ALA A 169 11.73 12.23 -8.48
CA ALA A 169 10.63 12.05 -7.53
C ALA A 169 10.84 10.85 -6.60
N TYR A 170 11.01 9.67 -7.17
CA TYR A 170 11.17 8.48 -6.34
C TYR A 170 12.53 8.41 -5.67
N THR A 171 13.55 8.98 -6.31
CA THR A 171 14.88 9.06 -5.70
C THR A 171 14.82 9.89 -4.42
N ASN A 172 14.26 11.09 -4.52
CA ASN A 172 14.15 11.93 -3.33
C ASN A 172 13.28 11.32 -2.25
N ALA A 173 12.17 10.72 -2.66
CA ALA A 173 11.28 10.05 -1.71
C ALA A 173 12.03 8.93 -0.98
N ALA A 174 12.84 8.18 -1.72
CA ALA A 174 13.60 7.09 -1.11
C ALA A 174 14.62 7.64 -0.12
N GLN A 175 15.28 8.73 -0.49
CA GLN A 175 16.24 9.37 0.40
C GLN A 175 15.56 9.88 1.67
N LYS A 176 14.42 10.54 1.51
CA LYS A 176 13.66 11.04 2.64
C LYS A 176 13.16 9.89 3.51
N ALA A 177 12.78 8.78 2.88
CA ALA A 177 12.31 7.61 3.61
C ALA A 177 13.43 7.04 4.49
N MET A 178 14.65 7.05 3.98
CA MET A 178 15.79 6.60 4.78
C MET A 178 16.04 7.58 5.91
N ASP A 179 15.98 8.89 5.62
CA ASP A 179 16.10 9.89 6.68
C ASP A 179 15.04 9.68 7.75
N ALA A 180 13.86 9.25 7.32
CA ALA A 180 12.73 9.03 8.23
C ALA A 180 12.82 7.71 8.98
N GLY A 181 13.84 6.92 8.69
CA GLY A 181 14.04 5.66 9.41
C GLY A 181 13.13 4.51 8.99
N PHE A 182 12.55 4.59 7.81
CA PHE A 182 11.76 3.48 7.29
C PHE A 182 12.65 2.28 7.01
N ASP A 183 12.16 1.09 7.34
CA ASP A 183 12.91 -0.14 7.08
C ASP A 183 12.78 -0.60 5.64
N TYR A 184 11.65 -0.26 5.01
CA TYR A 184 11.44 -0.58 3.60
C TYR A 184 10.71 0.57 2.93
N ILE A 185 10.85 0.60 1.61
CA ILE A 185 9.99 1.41 0.76
C ILE A 185 9.25 0.46 -0.16
N GLU A 186 7.95 0.68 -0.32
CA GLU A 186 7.12 -0.19 -1.13
C GLU A 186 6.54 0.60 -2.30
N LEU A 187 6.79 0.12 -3.52
CA LEU A 187 6.20 0.77 -4.69
C LEU A 187 4.75 0.34 -4.83
N HIS A 188 3.84 1.31 -4.84
CA HIS A 188 2.43 1.02 -5.03
C HIS A 188 2.18 0.83 -6.53
N ALA A 189 2.08 -0.42 -6.97
CA ALA A 189 1.82 -0.71 -8.37
C ALA A 189 0.48 -1.42 -8.51
N ALA A 190 -0.45 -1.05 -7.64
CA ALA A 190 -1.75 -1.70 -7.58
C ALA A 190 -2.88 -0.69 -7.73
N HIS A 191 -4.10 -1.22 -7.85
CA HIS A 191 -5.33 -0.46 -7.65
C HIS A 191 -5.57 0.69 -8.62
N GLY A 192 -4.92 0.66 -9.77
CA GLY A 192 -5.19 1.65 -10.79
C GLY A 192 -4.57 3.00 -10.56
N TYR A 193 -3.56 3.08 -9.69
CA TYR A 193 -2.81 4.32 -9.50
C TYR A 193 -1.69 4.37 -10.54
N LEU A 194 -0.74 5.30 -10.40
CA LEU A 194 0.17 5.60 -11.50
C LEU A 194 0.93 4.38 -12.03
N LEU A 195 1.56 3.60 -11.15
CA LEU A 195 2.39 2.51 -11.65
C LEU A 195 1.57 1.42 -12.34
N ASP A 196 0.39 1.13 -11.79
CA ASP A 196 -0.55 0.22 -12.43
C ASP A 196 -1.00 0.79 -13.78
N GLN A 197 -1.19 2.10 -13.85
CA GLN A 197 -1.53 2.75 -15.11
C GLN A 197 -0.46 2.52 -16.17
N PHE A 198 0.81 2.54 -15.76
CA PHE A 198 1.87 2.21 -16.69
C PHE A 198 1.86 0.74 -17.11
N LEU A 199 1.65 -0.16 -16.15
CA LEU A 199 1.80 -1.59 -16.42
C LEU A 199 0.81 -2.15 -17.43
N GLN A 200 -0.43 -1.68 -17.37
CA GLN A 200 -1.52 -2.33 -18.09
C GLN A 200 -1.95 -1.55 -19.34
N PRO A 201 -2.39 -2.27 -20.39
CA PRO A 201 -2.64 -1.57 -21.65
C PRO A 201 -3.88 -0.66 -21.67
N CYS A 202 -4.88 -0.87 -20.82
CA CYS A 202 -6.05 0.00 -20.88
C CYS A 202 -5.69 1.44 -20.53
N THR A 203 -4.61 1.58 -19.77
CA THR A 203 -4.16 2.88 -19.26
C THR A 203 -2.87 3.39 -19.92
N ASN A 204 -2.20 2.54 -20.68
CA ASN A 204 -0.92 2.92 -21.28
C ASN A 204 -0.92 2.59 -22.77
N GLN A 205 -1.00 3.64 -23.59
CA GLN A 205 -0.89 3.51 -25.03
C GLN A 205 0.30 4.30 -25.57
N ARG A 206 1.33 4.43 -24.74
CA ARG A 206 2.53 5.19 -25.11
C ARG A 206 3.23 4.57 -26.32
N THR A 207 3.95 5.41 -27.05
CA THR A 207 4.72 4.96 -28.21
C THR A 207 6.21 5.20 -28.05
N ASP A 208 6.61 5.59 -26.84
CA ASP A 208 8.03 5.66 -26.52
C ASP A 208 8.46 4.36 -25.82
N GLU A 209 9.61 4.36 -25.18
CA GLU A 209 10.14 3.14 -24.58
C GLU A 209 9.31 2.63 -23.40
N TYR A 210 8.35 3.45 -22.94
CA TYR A 210 7.57 3.10 -21.76
C TYR A 210 6.18 2.56 -22.10
N GLY A 211 5.91 2.33 -23.38
CA GLY A 211 4.67 1.66 -23.76
C GLY A 211 4.77 0.95 -25.09
N GLY A 212 3.70 0.26 -25.47
CA GLY A 212 3.64 -0.38 -26.77
C GLY A 212 3.97 -1.87 -26.79
N SER A 213 4.29 -2.40 -25.61
CA SER A 213 4.51 -3.84 -25.44
C SER A 213 4.47 -4.13 -23.95
N ILE A 214 4.31 -5.41 -23.62
CA ILE A 214 4.33 -5.84 -22.22
C ILE A 214 5.61 -5.37 -21.56
N GLU A 215 6.73 -5.62 -22.22
CA GLU A 215 8.04 -5.25 -21.71
C GLU A 215 8.19 -3.74 -21.53
N ASN A 216 7.72 -2.97 -22.52
CA ASN A 216 7.82 -1.52 -22.42
C ASN A 216 6.94 -0.96 -21.30
N ARG A 217 5.75 -1.52 -21.13
CA ARG A 217 4.86 -1.07 -20.07
C ARG A 217 5.43 -1.36 -18.67
N ALA A 218 6.19 -2.44 -18.54
CA ALA A 218 6.81 -2.78 -17.26
C ALA A 218 8.08 -1.98 -17.02
N ARG A 219 8.60 -1.34 -18.07
CA ARG A 219 9.92 -0.72 -18.01
C ARG A 219 10.10 0.28 -16.87
N LEU A 220 9.15 1.19 -16.69
CA LEU A 220 9.26 2.19 -15.62
C LEU A 220 9.35 1.51 -14.25
N ILE A 221 8.54 0.49 -14.04
CA ILE A 221 8.50 -0.16 -12.74
C ILE A 221 9.82 -0.86 -12.45
N LEU A 222 10.35 -1.58 -13.45
CA LEU A 222 11.62 -2.25 -13.27
C LEU A 222 12.79 -1.25 -13.15
N GLU A 223 12.65 -0.11 -13.83
CA GLU A 223 13.61 0.98 -13.73
CA GLU A 223 13.67 0.93 -13.72
C GLU A 223 13.68 1.52 -12.31
N LEU A 224 12.51 1.67 -11.71
CA LEU A 224 12.41 2.13 -10.32
C LEU A 224 13.03 1.09 -9.40
N ILE A 225 12.67 -0.19 -9.59
CA ILE A 225 13.24 -1.25 -8.77
C ILE A 225 14.76 -1.23 -8.87
N ASP A 226 15.28 -1.13 -10.09
CA ASP A 226 16.74 -1.18 -10.26
C ASP A 226 17.43 0.04 -9.68
N HIS A 227 16.92 1.22 -9.98
CA HIS A 227 17.58 2.44 -9.52
C HIS A 227 17.49 2.56 -8.01
N LEU A 228 16.31 2.33 -7.44
CA LEU A 228 16.17 2.44 -6.00
C LEU A 228 16.97 1.37 -5.26
N SER A 229 17.09 0.18 -5.85
CA SER A 229 17.97 -0.85 -5.27
C SER A 229 19.41 -0.36 -5.13
N THR A 230 19.89 0.44 -6.09
CA THR A 230 21.26 0.94 -5.99
C THR A 230 21.42 2.01 -4.91
N ILE A 231 20.32 2.62 -4.50
CA ILE A 231 20.35 3.67 -3.49
CA ILE A 231 20.35 3.67 -3.49
C ILE A 231 20.19 3.12 -2.07
N VAL A 232 19.14 2.32 -1.87
CA VAL A 232 18.79 1.85 -0.53
C VAL A 232 19.09 0.37 -0.29
N GLY A 233 19.39 -0.36 -1.37
CA GLY A 233 19.57 -1.80 -1.29
C GLY A 233 18.26 -2.52 -1.60
N ALA A 234 18.35 -3.60 -2.37
CA ALA A 234 17.18 -4.38 -2.71
C ALA A 234 16.47 -4.94 -1.46
N ASP A 235 17.22 -5.18 -0.39
CA ASP A 235 16.62 -5.68 0.84
C ASP A 235 15.68 -4.70 1.51
N LYS A 236 15.67 -3.45 1.06
CA LYS A 236 14.74 -2.47 1.63
C LYS A 236 13.60 -2.13 0.68
N ILE A 237 13.38 -2.95 -0.34
CA ILE A 237 12.36 -2.64 -1.34
C ILE A 237 11.24 -3.68 -1.38
N GLY A 238 10.00 -3.19 -1.41
CA GLY A 238 8.84 -4.02 -1.69
C GLY A 238 8.06 -3.45 -2.85
N ILE A 239 7.05 -4.19 -3.31
CA ILE A 239 6.16 -3.74 -4.36
C ILE A 239 4.80 -4.38 -4.15
N ARG A 240 3.74 -3.63 -4.40
CA ARG A 240 2.39 -4.16 -4.30
C ARG A 240 1.72 -4.19 -5.66
N ILE A 241 1.09 -5.32 -5.96
CA ILE A 241 0.32 -5.47 -7.19
C ILE A 241 -1.06 -6.04 -6.87
N SER A 242 -2.02 -5.76 -7.74
CA SER A 242 -3.38 -6.26 -7.61
C SER A 242 -3.85 -6.77 -8.96
N PRO A 243 -3.32 -7.92 -9.39
CA PRO A 243 -3.54 -8.38 -10.77
C PRO A 243 -5.01 -8.42 -11.18
N TRP A 244 -5.88 -8.78 -10.26
CA TRP A 244 -7.28 -9.06 -10.60
C TRP A 244 -8.22 -7.90 -10.38
N ALA A 245 -7.71 -6.82 -9.80
CA ALA A 245 -8.56 -5.73 -9.36
C ALA A 245 -9.09 -4.92 -10.53
N THR A 246 -10.32 -4.44 -10.38
CA THR A 246 -10.94 -3.56 -11.37
C THR A 246 -11.20 -2.21 -10.76
N PHE A 247 -10.54 -1.95 -9.62
CA PHE A 247 -10.64 -0.66 -8.93
C PHE A 247 -10.20 0.47 -9.85
N GLN A 248 -10.93 1.58 -9.82
CA GLN A 248 -10.61 2.74 -10.67
C GLN A 248 -10.52 2.38 -12.15
N ASN A 249 -11.42 1.50 -12.55
CA ASN A 249 -11.69 1.13 -13.94
C ASN A 249 -10.56 0.41 -14.66
N MET A 250 -9.67 -0.25 -13.92
CA MET A 250 -8.74 -1.15 -14.59
C MET A 250 -9.53 -2.30 -15.19
N LYS A 251 -9.21 -2.64 -16.43
CA LYS A 251 -10.00 -3.67 -17.13
C LYS A 251 -9.68 -5.08 -16.66
N ALA A 252 -8.47 -5.29 -16.14
CA ALA A 252 -8.04 -6.58 -15.61
C ALA A 252 -8.22 -7.70 -16.64
N HIS A 253 -8.99 -8.73 -16.31
CA HIS A 253 -9.16 -9.87 -17.21
C HIS A 253 -9.89 -9.53 -18.50
N LYS A 254 -10.50 -8.34 -18.56
CA LYS A 254 -11.15 -7.86 -19.78
C LYS A 254 -10.24 -6.96 -20.61
N ASP A 255 -8.99 -6.75 -20.16
CA ASP A 255 -8.06 -5.91 -20.92
C ASP A 255 -7.51 -6.69 -22.11
N THR A 256 -6.79 -6.00 -22.99
CA THR A 256 -6.26 -6.65 -24.19
C THR A 256 -5.04 -7.54 -23.90
N VAL A 257 -4.41 -7.31 -22.75
CA VAL A 257 -3.41 -8.22 -22.20
C VAL A 257 -3.94 -8.61 -20.84
N HIS A 258 -3.99 -9.92 -20.61
CA HIS A 258 -4.57 -10.48 -19.39
C HIS A 258 -3.60 -10.26 -18.22
N PRO A 259 -4.14 -10.06 -17.02
CA PRO A 259 -3.26 -9.85 -15.86
C PRO A 259 -2.25 -10.97 -15.63
N LEU A 260 -2.61 -12.20 -15.97
CA LEU A 260 -1.65 -13.29 -15.80
CA LEU A 260 -1.65 -13.27 -15.81
C LEU A 260 -0.40 -13.02 -16.62
N THR A 261 -0.57 -12.45 -17.80
CA THR A 261 0.56 -12.15 -18.66
C THR A 261 1.37 -10.99 -18.09
N THR A 262 0.70 -9.87 -17.85
CA THR A 262 1.33 -8.66 -17.34
C THR A 262 2.10 -8.93 -16.05
N PHE A 263 1.44 -9.53 -15.09
CA PHE A 263 2.04 -9.68 -13.77
C PHE A 263 2.99 -10.87 -13.65
N SER A 264 2.79 -11.93 -14.43
CA SER A 264 3.81 -12.98 -14.45
C SER A 264 5.11 -12.45 -15.05
N TYR A 265 4.99 -11.61 -16.08
CA TYR A 265 6.19 -10.99 -16.67
C TYR A 265 6.95 -10.21 -15.60
N LEU A 266 6.23 -9.37 -14.86
CA LEU A 266 6.87 -8.53 -13.85
C LEU A 266 7.51 -9.37 -12.75
N VAL A 267 6.77 -10.35 -12.24
CA VAL A 267 7.27 -11.15 -11.12
C VAL A 267 8.48 -12.00 -11.53
N HIS A 268 8.46 -12.54 -12.75
CA HIS A 268 9.61 -13.31 -13.22
C HIS A 268 10.85 -12.45 -13.41
N GLU A 269 10.67 -11.22 -13.87
CA GLU A 269 11.78 -10.27 -13.94
C GLU A 269 12.33 -9.96 -12.55
N LEU A 270 11.44 -9.87 -11.56
CA LEU A 270 11.89 -9.66 -10.19
C LEU A 270 12.67 -10.87 -9.67
N GLN A 271 12.21 -12.07 -9.99
CA GLN A 271 12.94 -13.27 -9.58
C GLN A 271 14.31 -13.36 -10.24
N GLN A 272 14.41 -12.96 -11.50
CA GLN A 272 15.70 -13.00 -12.17
C GLN A 272 16.71 -12.06 -11.49
N ARG A 273 16.22 -10.93 -10.99
CA ARG A 273 17.06 -10.05 -10.19
C ARG A 273 17.49 -10.72 -8.89
N ALA A 274 16.58 -11.46 -8.27
CA ALA A 274 16.91 -12.20 -7.06
C ALA A 274 17.99 -13.25 -7.30
N ASP A 275 17.93 -13.90 -8.48
CA ASP A 275 18.93 -14.92 -8.84
C ASP A 275 20.32 -14.31 -8.96
N LYS A 276 20.37 -13.00 -9.24
CA LYS A 276 21.62 -12.27 -9.44
C LYS A 276 22.08 -11.54 -8.17
N GLY A 277 21.40 -11.78 -7.06
CA GLY A 277 21.77 -11.16 -5.79
C GLY A 277 21.12 -9.82 -5.52
N GLN A 278 20.11 -9.46 -6.31
CA GLN A 278 19.38 -8.22 -6.13
C GLN A 278 17.91 -8.50 -5.85
N GLY A 279 17.65 -9.47 -4.99
CA GLY A 279 16.29 -9.83 -4.65
C GLY A 279 15.64 -8.83 -3.71
N ILE A 280 14.49 -8.29 -4.13
CA ILE A 280 13.79 -7.34 -3.27
C ILE A 280 13.21 -8.07 -2.06
N ALA A 281 12.83 -7.31 -1.03
CA ALA A 281 12.42 -7.90 0.24
C ALA A 281 11.13 -8.70 0.16
N TYR A 282 10.14 -8.17 -0.54
CA TYR A 282 8.87 -8.86 -0.65
C TYR A 282 8.05 -8.36 -1.83
N ILE A 283 7.15 -9.22 -2.30
CA ILE A 283 6.11 -8.84 -3.22
C ILE A 283 4.79 -8.96 -2.46
N SER A 284 4.03 -7.86 -2.45
CA SER A 284 2.73 -7.81 -1.81
C SER A 284 1.67 -7.94 -2.90
N VAL A 285 0.74 -8.86 -2.70
CA VAL A 285 -0.30 -9.12 -3.71
CA VAL A 285 -0.29 -9.11 -3.70
C VAL A 285 -1.68 -9.08 -3.08
N VAL A 286 -2.64 -8.50 -3.80
CA VAL A 286 -4.00 -8.47 -3.30
C VAL A 286 -4.75 -9.68 -3.82
N GLU A 287 -5.32 -10.44 -2.88
CA GLU A 287 -6.07 -11.65 -3.22
C GLU A 287 -7.36 -11.29 -3.95
N PRO A 288 -7.82 -12.17 -4.85
CA PRO A 288 -8.95 -11.83 -5.71
C PRO A 288 -10.28 -11.66 -4.97
N ARG A 289 -10.30 -11.98 -3.68
CA ARG A 289 -11.47 -11.69 -2.85
C ARG A 289 -11.75 -10.19 -2.69
N VAL A 290 -10.75 -9.35 -2.97
CA VAL A 290 -10.89 -7.91 -2.76
C VAL A 290 -10.32 -7.11 -3.93
N SER A 291 -10.98 -6.01 -4.28
CA SER A 291 -10.53 -5.13 -5.33
C SER A 291 -10.49 -3.71 -4.77
N GLY A 292 -9.30 -3.18 -4.50
CA GLY A 292 -9.18 -1.90 -3.83
C GLY A 292 -9.68 -1.96 -2.40
N ASN A 293 -10.76 -1.24 -2.11
CA ASN A 293 -11.34 -1.26 -0.78
C ASN A 293 -12.68 -1.98 -0.77
N VAL A 294 -12.89 -2.85 -1.77
CA VAL A 294 -14.18 -3.48 -2.04
C VAL A 294 -14.07 -5.01 -2.13
N ASP A 295 -15.01 -5.73 -1.53
CA ASP A 295 -15.02 -7.19 -1.70
C ASP A 295 -15.55 -7.61 -3.06
N VAL A 296 -15.04 -8.72 -3.56
CA VAL A 296 -15.42 -9.25 -4.87
C VAL A 296 -16.06 -10.62 -4.69
N SER A 297 -17.23 -10.81 -5.31
CA SER A 297 -17.95 -12.07 -5.19
C SER A 297 -17.17 -13.21 -5.84
N GLU A 298 -17.29 -14.42 -5.29
CA GLU A 298 -16.62 -15.59 -5.86
C GLU A 298 -16.97 -15.72 -7.34
N GLU A 299 -18.19 -15.29 -7.66
CA GLU A 299 -18.71 -15.25 -9.02
C GLU A 299 -17.86 -14.38 -9.95
N ASP A 300 -17.44 -13.21 -9.46
CA ASP A 300 -16.71 -12.24 -10.28
C ASP A 300 -15.21 -12.47 -10.32
N GLN A 301 -14.72 -13.40 -9.51
CA GLN A 301 -13.29 -13.69 -9.46
C GLN A 301 -12.83 -14.46 -10.70
N ALA A 302 -11.81 -13.92 -11.37
CA ALA A 302 -11.42 -14.39 -12.69
C ALA A 302 -10.06 -15.07 -12.70
N GLY A 303 -9.39 -15.06 -11.55
CA GLY A 303 -8.08 -15.68 -11.45
C GLY A 303 -7.61 -15.72 -10.01
N ASP A 304 -6.40 -16.21 -9.80
CA ASP A 304 -5.83 -16.22 -8.45
C ASP A 304 -4.35 -15.88 -8.51
N ASN A 305 -3.71 -15.84 -7.36
CA ASN A 305 -2.32 -15.42 -7.32
C ASN A 305 -1.32 -16.54 -7.16
N GLU A 306 -1.74 -17.76 -7.50
N GLU A 306 -1.75 -17.76 -7.49
CA GLU A 306 -0.87 -18.92 -7.43
CA GLU A 306 -0.86 -18.92 -7.43
C GLU A 306 0.41 -18.68 -8.21
C GLU A 306 0.40 -18.71 -8.23
N PHE A 307 0.28 -18.01 -9.35
CA PHE A 307 1.42 -17.75 -10.23
C PHE A 307 2.56 -17.03 -9.52
N VAL A 308 2.23 -16.16 -8.58
CA VAL A 308 3.26 -15.42 -7.87
C VAL A 308 4.09 -16.40 -7.05
N SER A 309 3.42 -17.35 -6.40
CA SER A 309 4.12 -18.36 -5.62
C SER A 309 4.99 -19.29 -6.46
N LYS A 310 4.52 -19.61 -7.67
CA LYS A 310 5.27 -20.52 -8.54
C LYS A 310 6.51 -19.85 -9.13
N ILE A 311 6.41 -18.54 -9.37
CA ILE A 311 7.46 -17.81 -10.07
C ILE A 311 8.48 -17.15 -9.13
N TRP A 312 7.99 -16.53 -8.07
CA TRP A 312 8.85 -15.81 -7.12
C TRP A 312 9.21 -16.72 -5.96
N LYS A 313 10.48 -16.72 -5.56
CA LYS A 313 10.94 -17.67 -4.55
C LYS A 313 11.07 -17.03 -3.18
N GLY A 314 10.91 -15.72 -3.11
CA GLY A 314 11.11 -14.99 -1.87
C GLY A 314 9.85 -14.74 -1.07
N VAL A 315 9.88 -13.72 -0.24
CA VAL A 315 8.76 -13.43 0.63
C VAL A 315 7.57 -12.88 -0.15
N ILE A 316 6.38 -13.39 0.16
CA ILE A 316 5.14 -12.90 -0.42
C ILE A 316 4.22 -12.43 0.70
N LEU A 317 3.63 -11.26 0.54
CA LEU A 317 2.57 -10.79 1.43
C LEU A 317 1.25 -10.86 0.68
N LYS A 318 0.29 -11.60 1.25
CA LYS A 318 -1.05 -11.69 0.68
C LYS A 318 -2.04 -11.01 1.61
N ALA A 319 -3.05 -10.33 1.05
CA ALA A 319 -4.10 -9.72 1.87
C ALA A 319 -5.41 -9.75 1.12
N GLY A 320 -6.52 -9.78 1.86
CA GLY A 320 -7.83 -9.63 1.28
C GLY A 320 -8.84 -10.55 1.90
N ASN A 321 -9.64 -10.00 2.82
CA ASN A 321 -10.71 -10.72 3.52
C ASN A 321 -10.29 -12.09 4.03
N TYR A 322 -9.17 -12.14 4.75
CA TYR A 322 -8.69 -13.41 5.26
C TYR A 322 -9.57 -14.01 6.35
N SER A 323 -10.46 -13.21 6.93
CA SER A 323 -11.36 -13.76 7.93
C SER A 323 -12.66 -14.33 7.33
N TYR A 324 -12.72 -14.45 6.01
CA TYR A 324 -13.94 -14.93 5.35
C TYR A 324 -14.30 -16.35 5.78
N ASP A 325 -13.29 -17.14 6.14
CA ASP A 325 -13.55 -18.49 6.66
C ASP A 325 -13.19 -18.67 8.14
N ALA A 326 -13.28 -17.57 8.90
CA ALA A 326 -13.21 -17.64 10.34
C ALA A 326 -14.35 -18.54 10.82
N PRO A 327 -14.19 -19.19 11.99
CA PRO A 327 -13.09 -19.06 12.95
C PRO A 327 -11.83 -19.86 12.64
N GLU A 328 -11.89 -20.85 11.75
CA GLU A 328 -10.76 -21.77 11.60
C GLU A 328 -9.64 -21.32 10.67
N PHE A 329 -9.88 -20.28 9.88
CA PHE A 329 -8.84 -19.70 9.03
C PHE A 329 -8.15 -20.72 8.12
N LYS A 330 -8.94 -21.60 7.51
CA LYS A 330 -8.41 -22.64 6.63
C LYS A 330 -7.55 -22.06 5.51
N THR A 331 -8.02 -20.98 4.89
CA THR A 331 -7.32 -20.40 3.75
C THR A 331 -6.02 -19.74 4.17
N LEU A 332 -6.09 -18.94 5.25
CA LEU A 332 -4.89 -18.33 5.82
C LEU A 332 -3.84 -19.38 6.12
N LYS A 333 -4.24 -20.47 6.78
CA LYS A 333 -3.28 -21.51 7.13
C LYS A 333 -2.67 -22.19 5.91
N GLU A 334 -3.48 -22.45 4.88
CA GLU A 334 -2.96 -23.00 3.63
C GLU A 334 -1.96 -22.03 3.01
N ASP A 335 -2.30 -20.76 3.02
CA ASP A 335 -1.48 -19.75 2.35
C ASP A 335 -0.14 -19.51 3.01
N ILE A 336 -0.05 -19.72 4.32
CA ILE A 336 1.22 -19.54 5.01
C ILE A 336 2.01 -20.83 5.18
N ALA A 337 1.46 -21.95 4.74
CA ALA A 337 2.09 -23.25 4.92
C ALA A 337 3.49 -23.35 4.29
N ASP A 338 3.73 -22.59 3.22
CA ASP A 338 5.03 -22.67 2.54
C ASP A 338 6.16 -21.95 3.27
N LYS A 339 5.82 -21.31 4.39
CA LYS A 339 6.80 -20.70 5.30
C LYS A 339 7.47 -19.42 4.82
N ARG A 340 7.11 -18.94 3.63
CA ARG A 340 7.65 -17.66 3.16
C ARG A 340 6.56 -16.62 2.87
N THR A 341 5.37 -16.85 3.42
CA THR A 341 4.21 -16.03 3.11
C THR A 341 3.68 -15.31 4.34
N LEU A 342 3.51 -13.99 4.19
CA LEU A 342 2.91 -13.14 5.21
C LEU A 342 1.44 -12.93 4.85
N VAL A 343 0.63 -12.70 5.87
CA VAL A 343 -0.80 -12.44 5.66
CA VAL A 343 -0.80 -12.45 5.66
C VAL A 343 -1.23 -11.12 6.28
N GLY A 344 -1.88 -10.29 5.48
CA GLY A 344 -2.26 -8.96 5.89
C GLY A 344 -3.73 -8.81 6.22
N PHE A 345 -4.01 -7.98 7.21
CA PHE A 345 -5.37 -7.58 7.57
C PHE A 345 -5.41 -6.06 7.64
N SER A 346 -6.20 -5.45 6.76
CA SER A 346 -6.35 -4.00 6.78
C SER A 346 -7.59 -3.58 7.58
N ARG A 347 -8.78 -3.92 7.09
CA ARG A 347 -9.99 -3.41 7.72
C ARG A 347 -10.10 -3.79 9.20
N TYR A 348 -9.78 -5.04 9.55
CA TYR A 348 -9.85 -5.41 10.96
C TYR A 348 -8.76 -4.79 11.82
N PHE A 349 -7.65 -4.40 11.22
CA PHE A 349 -6.62 -3.69 11.98
C PHE A 349 -7.07 -2.26 12.32
N THR A 350 -8.00 -1.68 11.55
CA THR A 350 -8.49 -0.35 11.87
C THR A 350 -9.25 -0.35 13.20
N SER A 351 -10.04 -1.40 13.45
CA SER A 351 -10.85 -1.44 14.66
C SER A 351 -10.23 -2.29 15.76
N ASN A 352 -9.11 -2.94 15.46
CA ASN A 352 -8.39 -3.77 16.43
C ASN A 352 -6.91 -3.43 16.44
N PRO A 353 -6.53 -2.36 17.16
CA PRO A 353 -5.11 -1.99 17.15
C PRO A 353 -4.21 -3.11 17.66
N ASN A 354 -4.74 -3.95 18.54
CA ASN A 354 -4.02 -5.13 19.03
C ASN A 354 -4.33 -6.40 18.22
N LEU A 355 -4.58 -6.26 16.93
CA LEU A 355 -5.01 -7.39 16.12
C LEU A 355 -4.09 -8.61 16.17
N VAL A 356 -2.77 -8.38 16.19
CA VAL A 356 -1.85 -9.52 16.24
C VAL A 356 -2.10 -10.34 17.51
N TRP A 357 -2.27 -9.63 18.62
CA TRP A 357 -2.58 -10.28 19.89
C TRP A 357 -3.93 -11.01 19.86
N LYS A 358 -4.94 -10.38 19.26
CA LYS A 358 -6.25 -11.02 19.16
C LYS A 358 -6.18 -12.29 18.35
N LEU A 359 -5.51 -12.24 17.21
CA LEU A 359 -5.38 -13.41 16.34
C LEU A 359 -4.58 -14.50 17.04
N ARG A 360 -3.54 -14.10 17.77
CA ARG A 360 -2.73 -15.06 18.51
C ARG A 360 -3.57 -15.89 19.46
N ASP A 361 -4.46 -15.25 20.20
CA ASP A 361 -5.12 -15.98 21.28
C ASP A 361 -6.62 -16.15 21.12
N GLY A 362 -7.10 -15.92 19.90
CA GLY A 362 -8.48 -16.20 19.57
C GLY A 362 -9.48 -15.29 20.24
N ILE A 363 -9.14 -14.01 20.32
CA ILE A 363 -10.02 -13.01 20.93
C ILE A 363 -10.95 -12.44 19.87
N ASP A 364 -12.25 -12.36 20.18
CA ASP A 364 -13.27 -11.85 19.26
C ASP A 364 -12.81 -10.54 18.62
N LEU A 365 -12.96 -10.44 17.30
CA LEU A 365 -12.59 -9.22 16.58
C LEU A 365 -13.68 -8.16 16.70
N VAL A 366 -13.29 -6.93 17.02
CA VAL A 366 -14.21 -5.80 17.02
C VAL A 366 -14.53 -5.42 15.57
N PRO A 367 -15.81 -5.28 15.23
CA PRO A 367 -16.16 -4.91 13.86
C PRO A 367 -15.62 -3.52 13.50
N TYR A 368 -15.30 -3.32 12.23
CA TYR A 368 -14.78 -2.03 11.79
C TYR A 368 -15.91 -1.09 11.40
N ASP A 369 -15.56 0.17 11.22
CA ASP A 369 -16.55 1.22 10.95
C ASP A 369 -16.24 1.93 9.65
N ARG A 370 -16.81 1.46 8.55
CA ARG A 370 -16.50 2.03 7.24
C ARG A 370 -16.81 3.52 7.19
N ASN A 371 -17.82 3.97 7.92
CA ASN A 371 -18.20 5.38 7.94
C ASN A 371 -17.05 6.31 8.34
N THR A 372 -16.11 5.81 9.12
CA THR A 372 -15.00 6.63 9.58
C THR A 372 -13.65 6.24 8.98
N PHE A 373 -13.67 5.43 7.92
CA PHE A 373 -12.43 5.09 7.23
C PHE A 373 -11.71 6.33 6.73
N TYR A 374 -12.45 7.27 6.14
CA TYR A 374 -11.86 8.36 5.41
C TYR A 374 -12.21 9.76 5.93
N SER A 375 -12.80 9.82 7.12
CA SER A 375 -13.13 11.11 7.72
C SER A 375 -11.88 11.83 8.23
N ASP A 376 -12.02 13.09 8.65
CA ASP A 376 -10.85 13.95 8.88
C ASP A 376 -10.39 14.08 10.33
N ASN A 377 -10.99 13.29 11.22
CA ASN A 377 -10.77 13.52 12.66
C ASN A 377 -10.55 12.24 13.44
N ASN A 378 -10.36 12.37 14.75
CA ASN A 378 -9.95 11.22 15.56
C ASN A 378 -11.05 10.19 15.84
N TYR A 379 -12.31 10.58 15.67
CA TYR A 379 -13.38 9.63 15.97
C TYR A 379 -13.37 8.48 14.94
N GLY A 380 -13.28 7.25 15.44
CA GLY A 380 -13.16 6.11 14.56
C GLY A 380 -11.74 5.91 14.07
N TYR A 381 -10.81 6.70 14.59
CA TYR A 381 -9.40 6.55 14.24
C TYR A 381 -8.65 5.96 15.44
N ASN A 382 -8.19 6.79 16.37
CA ASN A 382 -7.53 6.27 17.56
C ASN A 382 -8.48 5.84 18.68
N THR A 383 -9.77 6.09 18.50
CA THR A 383 -10.74 5.78 19.55
C THR A 383 -10.86 4.29 19.82
N PHE A 384 -10.41 3.45 18.88
CA PHE A 384 -10.49 2.01 19.07
C PHE A 384 -9.48 1.50 20.10
N SER A 385 -8.56 2.35 20.52
CA SER A 385 -7.60 1.95 21.55
CA SER A 385 -7.58 1.99 21.56
C SER A 385 -8.06 2.35 22.96
N MET A 386 -9.16 3.07 23.04
CA MET A 386 -9.68 3.52 24.33
C MET A 386 -10.84 2.66 24.82
N ASP A 387 -11.05 2.62 26.14
CA ASP A 387 -12.29 2.08 26.67
C ASP A 387 -13.38 3.08 26.30
N SER A 388 -14.55 2.58 25.91
CA SER A 388 -15.67 3.43 25.51
CA SER A 388 -15.63 3.46 25.49
C SER A 388 -15.96 4.54 26.53
N GLU A 389 -16.16 4.11 27.78
CA GLU A 389 -16.53 5.00 28.87
C GLU A 389 -15.62 6.22 29.02
N GLU A 390 -14.48 6.18 28.34
CA GLU A 390 -13.54 7.29 28.36
C GLU A 390 -13.43 7.97 26.99
N VAL A 391 -14.23 7.50 26.02
CA VAL A 391 -14.28 8.16 24.71
C VAL A 391 -15.36 9.23 24.65
N ASP A 392 -14.92 10.48 24.71
CA ASP A 392 -15.82 11.61 24.50
C ASP A 392 -15.96 11.81 23.00
N LYS A 393 -17.05 11.31 22.47
CA LYS A 393 -17.25 11.27 21.01
C LYS A 393 -17.22 12.63 20.34
N GLU A 394 -17.89 13.61 20.93
CA GLU A 394 -18.00 14.94 20.32
C GLU A 394 -16.66 15.66 20.34
N LEU A 395 -15.88 15.43 21.40
CA LEU A 395 -14.55 15.99 21.51
C LEU A 395 -13.64 15.35 20.47
N GLU A 396 -13.79 14.04 20.28
CA GLU A 396 -12.96 13.32 19.32
C GLU A 396 -13.28 13.65 17.87
N ILE A 397 -14.56 13.87 17.57
CA ILE A 397 -14.94 14.32 16.23
C ILE A 397 -14.30 15.68 15.94
N LYS A 398 -14.19 16.50 16.99
CA LYS A 398 -13.56 17.80 16.83
C LYS A 398 -12.03 17.74 16.84
N ARG A 399 -11.48 16.58 17.18
CA ARG A 399 -10.02 16.45 17.22
C ARG A 399 -9.47 16.14 15.84
N VAL A 400 -9.07 17.20 15.15
CA VAL A 400 -8.42 17.07 13.86
C VAL A 400 -6.93 16.86 14.08
N PRO A 401 -6.21 16.39 13.04
CA PRO A 401 -4.78 16.19 13.20
C PRO A 401 -4.03 17.48 13.53
N SER A 402 -3.01 17.35 14.38
CA SER A 402 -2.16 18.46 14.77
C SER A 402 -0.70 18.06 14.64
N ALA A 403 0.20 19.02 14.73
CA ALA A 403 1.62 18.72 14.62
C ALA A 403 2.05 17.77 15.73
N ILE A 404 2.97 16.88 15.41
CA ILE A 404 3.57 16.02 16.43
C ILE A 404 4.34 16.87 17.44
N GLU A 405 4.00 16.69 18.72
CA GLU A 405 4.63 17.39 19.83
C GLU A 405 4.56 18.91 19.72
N1 FMN B . -4.22 -0.48 -0.32
C2 FMN B . -3.05 0.13 -0.72
O2 FMN B . -2.25 -0.49 -1.41
N3 FMN B . -2.77 1.42 -0.35
C4 FMN B . -3.66 2.14 0.43
O4 FMN B . -3.36 3.30 0.76
C4A FMN B . -4.85 1.53 0.83
N5 FMN B . -5.77 2.22 1.60
C5A FMN B . -6.92 1.59 2.03
C6 FMN B . -7.84 2.29 2.82
C7 FMN B . -9.00 1.66 3.26
C7M FMN B . -9.99 2.39 4.11
C8 FMN B . -9.25 0.34 2.87
C8M FMN B . -10.49 -0.38 3.30
C9 FMN B . -8.34 -0.34 2.09
C9A FMN B . -7.18 0.27 1.66
N10 FMN B . -6.27 -0.42 0.87
C10 FMN B . -5.11 0.22 0.47
C1' FMN B . -6.50 -1.86 0.52
C2' FMN B . -6.01 -2.66 1.76
O2' FMN B . -4.62 -2.54 2.04
C3' FMN B . -6.35 -4.15 1.69
O3' FMN B . -5.64 -4.76 0.61
C4' FMN B . -7.84 -4.42 1.54
O4' FMN B . -8.59 -3.64 2.45
C5' FMN B . -8.13 -5.92 1.74
O5' FMN B . -7.67 -6.35 3.01
P FMN B . -8.70 -6.57 4.23
O1P FMN B . -9.81 -7.49 3.77
O2P FMN B . -9.27 -5.20 4.58
O3P FMN B . -7.90 -7.15 5.37
C1 MLA C . -3.23 19.00 -2.24
O1A MLA C . -2.49 18.05 -2.57
O1B MLA C . -4.31 18.77 -1.64
C2 MLA C . -2.82 20.41 -2.55
C3 MLA C . -2.17 21.06 -1.37
O3A MLA C . -1.97 20.40 -0.31
O3B MLA C . -1.82 22.26 -1.44
C1 MLA D . -17.35 -3.82 3.94
O1A MLA D . -16.18 -3.85 4.39
O1B MLA D . -17.56 -3.47 2.74
C2 MLA D . -18.48 -4.22 4.83
C3 MLA D . -18.81 -3.14 5.80
O3A MLA D . -19.55 -3.41 6.78
O3B MLA D . -18.35 -1.98 5.68
NA NA E . 6.79 -3.21 23.61
NA NA F . 1.75 -19.79 0.15
NA NA G . 10.77 -19.09 19.00
C1 MLA H . -7.76 3.19 -0.96
O1A MLA H . -8.09 4.12 -0.19
O1B MLA H . -8.53 2.20 -1.08
C2 MLA H . -6.47 3.27 -1.71
C3 MLA H . -6.10 1.97 -2.34
O3A MLA H . -4.94 1.79 -2.80
O3B MLA H . -6.92 1.01 -2.42
CAB 23W I . -3.88 4.02 -2.28
OAF 23W I . -5.17 4.04 -1.77
CAH 23W I . -5.99 2.97 -2.03
OAC 23W I . -5.48 1.99 -2.54
CAG 23W I . -7.31 2.85 -1.34
CAA 23W I . -7.77 3.85 -0.53
CAE 23W I . -8.18 1.64 -1.53
OAD 23W I . -7.73 0.52 -2.17
#